data_7UQ2
#
_entry.id   7UQ2
#
_cell.length_a   81.694
_cell.length_b   81.694
_cell.length_c   217.616
_cell.angle_alpha   90.000
_cell.angle_beta   90.000
_cell.angle_gamma   90.000
#
_symmetry.space_group_name_H-M   'P 41 21 2'
#
loop_
_entity.id
_entity.type
_entity.pdbx_description
1 polymer Vs.4
2 non-polymer "2-amino-9-[(2R,3R,3aS,5R,7aR,9R,10R,10aS,12R,14aR)-9-(6-amino-9H-purin-9-yl)-3,5,10,12-tetrahydroxy-5,12-dioxidooctahydro-2H,7H-difuro[3,2-d:3',2'-j][1,3,7,9,2,8]tetraoxadiphosphacyclododecin-2-yl]-1,9-dihydro-6H-purin-6-one"
3 non-polymer 'CALCIUM ION'
4 water water
#
_entity_poly.entity_id   1
_entity_poly.type   'polypeptide(L)'
_entity_poly.pdbx_seq_one_letter_code
;SMIEDIKGYKPHTEEKIGKVNAIKDAEVRLGLIFDALYDEFWEALDNCEDCEFAKNYAESLDQLTIAKTKLKEASMWACR
AVFQPEEKY
;
_entity_poly.pdbx_strand_id   A,B,C,D,E,F
#
# COMPACT_ATOMS: atom_id res chain seq x y z
N SER A 1 -23.38 4.36 -22.42
CA SER A 1 -23.39 4.22 -20.97
C SER A 1 -23.53 5.57 -20.28
N MET A 2 -24.06 5.57 -19.06
CA MET A 2 -24.32 6.78 -18.30
C MET A 2 -23.52 6.72 -17.00
N ILE A 3 -22.64 7.71 -16.80
CA ILE A 3 -21.93 7.82 -15.53
C ILE A 3 -22.91 8.02 -14.39
N GLU A 4 -24.05 8.64 -14.66
CA GLU A 4 -25.05 8.90 -13.62
C GLU A 4 -25.57 7.61 -12.99
N ASP A 5 -25.44 6.49 -13.67
CA ASP A 5 -25.85 5.21 -13.13
C ASP A 5 -24.95 4.74 -11.95
N ILE A 6 -23.74 5.27 -11.87
CA ILE A 6 -22.82 4.85 -10.83
C ILE A 6 -22.85 5.77 -9.61
N LYS A 7 -22.97 5.24 -8.43
CA LYS A 7 -23.04 6.05 -7.24
C LYS A 7 -21.83 6.94 -6.99
N GLY A 8 -22.07 8.22 -6.81
CA GLY A 8 -21.02 9.18 -6.54
C GLY A 8 -20.33 9.79 -7.73
N TYR A 9 -20.60 9.27 -8.90
CA TYR A 9 -19.99 9.77 -10.09
C TYR A 9 -20.59 11.11 -10.47
N LYS A 10 -19.78 11.95 -11.05
CA LYS A 10 -20.19 13.24 -11.53
C LYS A 10 -19.83 13.34 -12.99
N PRO A 11 -20.45 14.26 -13.71
CA PRO A 11 -20.24 14.43 -15.14
C PRO A 11 -18.82 14.81 -15.51
N HIS A 12 -18.44 14.40 -16.71
CA HIS A 12 -17.16 14.71 -17.25
C HIS A 12 -17.15 16.14 -17.77
N THR A 13 -15.97 16.66 -17.96
CA THR A 13 -15.71 17.93 -18.59
C THR A 13 -14.48 17.73 -19.49
N GLU A 14 -14.34 18.54 -20.51
CA GLU A 14 -13.20 18.54 -21.43
C GLU A 14 -11.91 18.62 -20.64
N GLU A 15 -11.90 19.48 -19.63
CA GLU A 15 -10.76 19.66 -18.80
C GLU A 15 -10.38 18.37 -18.06
N LYS A 16 -11.34 17.76 -17.40
CA LYS A 16 -11.11 16.53 -16.68
C LYS A 16 -10.65 15.41 -17.61
N ILE A 17 -11.33 15.25 -18.74
CA ILE A 17 -11.03 14.23 -19.72
C ILE A 17 -9.59 14.35 -20.17
N GLY A 18 -9.19 15.54 -20.55
CA GLY A 18 -7.83 15.78 -20.98
C GLY A 18 -6.81 15.42 -19.92
N LYS A 19 -7.06 15.84 -18.69
CA LYS A 19 -6.17 15.57 -17.59
C LYS A 19 -6.12 14.08 -17.24
N VAL A 20 -7.28 13.47 -17.16
CA VAL A 20 -7.34 12.05 -16.83
C VAL A 20 -6.60 11.23 -17.89
N ASN A 21 -6.84 11.54 -19.17
CA ASN A 21 -6.19 10.79 -20.24
C ASN A 21 -4.70 11.08 -20.30
N ALA A 22 -4.27 12.27 -19.89
CA ALA A 22 -2.84 12.55 -19.79
C ALA A 22 -2.19 11.69 -18.72
N ILE A 23 -2.88 11.51 -17.58
CA ILE A 23 -2.37 10.61 -16.55
C ILE A 23 -2.27 9.20 -17.08
N LYS A 24 -3.34 8.70 -17.69
CA LYS A 24 -3.37 7.32 -18.16
C LYS A 24 -2.33 7.10 -19.27
N ASP A 25 -2.14 8.09 -20.13
CA ASP A 25 -1.12 7.97 -21.18
C ASP A 25 0.26 7.78 -20.57
N ALA A 26 0.63 8.63 -19.61
CA ALA A 26 1.93 8.50 -18.96
C ALA A 26 2.02 7.24 -18.12
N GLU A 27 0.90 6.83 -17.49
CA GLU A 27 0.89 5.61 -16.71
C GLU A 27 1.21 4.40 -17.58
N VAL A 28 0.50 4.26 -18.71
CA VAL A 28 0.72 3.12 -19.59
C VAL A 28 2.14 3.13 -20.14
N ARG A 29 2.71 4.28 -20.37
CA ARG A 29 4.06 4.40 -20.86
C ARG A 29 5.02 3.69 -19.89
N LEU A 30 4.89 4.01 -18.62
CA LEU A 30 5.72 3.36 -17.60
C LEU A 30 5.37 1.88 -17.48
N GLY A 31 4.07 1.56 -17.52
CA GLY A 31 3.66 0.18 -17.37
C GLY A 31 4.20 -0.73 -18.46
N LEU A 32 4.30 -0.21 -19.70
CA LEU A 32 4.86 -0.99 -20.78
C LEU A 32 6.34 -1.24 -20.57
N ILE A 33 7.05 -0.32 -19.92
CA ILE A 33 8.44 -0.57 -19.55
C ILE A 33 8.52 -1.70 -18.53
N PHE A 34 7.65 -1.66 -17.51
CA PHE A 34 7.55 -2.78 -16.58
C PHE A 34 7.28 -4.09 -17.32
N ASP A 35 6.34 -4.05 -18.27
CA ASP A 35 5.96 -5.27 -18.99
C ASP A 35 7.12 -5.80 -19.81
N ALA A 36 7.86 -4.92 -20.48
CA ALA A 36 9.02 -5.36 -21.25
C ALA A 36 10.06 -6.03 -20.35
N LEU A 37 10.35 -5.41 -19.20
CA LEU A 37 11.29 -6.02 -18.27
C LEU A 37 10.76 -7.35 -17.75
N TYR A 38 9.45 -7.41 -17.46
CA TYR A 38 8.84 -8.66 -17.01
C TYR A 38 9.03 -9.77 -18.04
N ASP A 39 8.67 -9.48 -19.30
CA ASP A 39 8.81 -10.48 -20.35
C ASP A 39 10.26 -10.91 -20.50
N GLU A 40 11.20 -9.99 -20.35
CA GLU A 40 12.62 -10.34 -20.47
C GLU A 40 13.03 -11.31 -19.38
N PHE A 41 12.63 -11.04 -18.13
CA PHE A 41 12.93 -11.97 -17.05
C PHE A 41 12.21 -13.30 -17.25
N TRP A 42 10.98 -13.25 -17.77
CA TRP A 42 10.24 -14.49 -18.02
C TRP A 42 10.98 -15.37 -19.03
N GLU A 43 11.43 -14.78 -20.14
CA GLU A 43 12.18 -15.54 -21.12
C GLU A 43 13.48 -16.07 -20.54
N ALA A 44 14.18 -15.25 -19.75
CA ALA A 44 15.40 -15.70 -19.11
C ALA A 44 15.14 -16.91 -18.23
N LEU A 45 14.03 -16.92 -17.52
CA LEU A 45 13.69 -18.03 -16.66
C LEU A 45 13.32 -19.28 -17.44
N ASP A 46 12.62 -19.09 -18.53
CA ASP A 46 12.24 -20.16 -19.42
C ASP A 46 13.54 -20.87 -19.89
N ASN A 47 14.51 -20.07 -20.30
CA ASN A 47 15.81 -20.55 -20.70
C ASN A 47 16.69 -21.10 -19.58
N CYS A 48 16.74 -20.44 -18.45
CA CYS A 48 17.56 -20.82 -17.32
C CYS A 48 17.14 -22.10 -16.65
N GLU A 49 15.85 -22.23 -16.32
CA GLU A 49 15.31 -23.40 -15.62
C GLU A 49 15.99 -23.71 -14.26
N ASP A 50 16.88 -24.71 -14.26
CA ASP A 50 17.58 -25.13 -13.04
C ASP A 50 18.85 -24.37 -12.75
N CYS A 51 19.20 -23.42 -13.59
CA CYS A 51 20.43 -22.67 -13.43
C CYS A 51 20.52 -21.80 -12.17
N GLU A 52 21.72 -21.38 -11.85
CA GLU A 52 22.00 -20.65 -10.62
C GLU A 52 21.19 -19.36 -10.44
N PHE A 53 20.90 -18.64 -11.50
CA PHE A 53 20.14 -17.41 -11.40
C PHE A 53 18.61 -17.49 -11.39
N ALA A 54 18.10 -18.70 -11.46
CA ALA A 54 16.68 -18.93 -11.44
C ALA A 54 15.95 -18.22 -10.30
N LYS A 55 16.49 -18.26 -9.10
CA LYS A 55 15.84 -17.60 -7.97
C LYS A 55 15.83 -16.08 -8.15
N ASN A 56 16.92 -15.52 -8.70
CA ASN A 56 16.96 -14.08 -8.95
C ASN A 56 15.88 -13.67 -9.95
N TYR A 57 15.74 -14.43 -11.04
CA TYR A 57 14.74 -14.10 -12.06
C TYR A 57 13.34 -14.18 -11.48
N ALA A 58 13.06 -15.22 -10.69
CA ALA A 58 11.72 -15.38 -10.12
C ALA A 58 11.39 -14.26 -9.15
N GLU A 59 12.36 -13.85 -8.33
CA GLU A 59 12.13 -12.71 -7.43
C GLU A 59 11.92 -11.43 -8.22
N SER A 60 12.69 -11.23 -9.29
CA SER A 60 12.51 -10.05 -10.13
C SER A 60 11.11 -10.01 -10.73
N LEU A 61 10.60 -11.17 -11.17
CA LEU A 61 9.24 -11.22 -11.70
C LEU A 61 8.22 -10.83 -10.63
N ASP A 62 8.40 -11.35 -9.41
CA ASP A 62 7.47 -11.01 -8.33
C ASP A 62 7.52 -9.52 -8.03
N GLN A 63 8.72 -8.93 -8.07
CA GLN A 63 8.84 -7.51 -7.72
C GLN A 63 8.28 -6.62 -8.82
N LEU A 64 8.38 -7.05 -10.08
CA LEU A 64 7.77 -6.28 -11.17
C LEU A 64 6.26 -6.38 -11.15
N THR A 65 5.71 -7.51 -10.68
CA THR A 65 4.28 -7.62 -10.49
C THR A 65 3.79 -6.64 -9.43
N ILE A 66 4.55 -6.49 -8.34
CA ILE A 66 4.22 -5.50 -7.32
C ILE A 66 4.29 -4.10 -7.92
N ALA A 67 5.35 -3.82 -8.67
CA ALA A 67 5.52 -2.50 -9.29
C ALA A 67 4.30 -2.15 -10.15
N LYS A 68 3.86 -3.09 -10.98
CA LYS A 68 2.68 -2.84 -11.81
C LYS A 68 1.47 -2.51 -10.95
N THR A 69 1.26 -3.28 -9.88
CA THR A 69 0.12 -3.02 -9.00
C THR A 69 0.19 -1.62 -8.40
N LYS A 70 1.38 -1.21 -7.95
CA LYS A 70 1.54 0.12 -7.37
C LYS A 70 1.27 1.22 -8.38
N LEU A 71 1.69 0.99 -9.63
CA LEU A 71 1.48 2.02 -10.66
C LEU A 71 0.00 2.21 -10.96
N LYS A 72 -0.76 1.11 -11.02
CA LYS A 72 -2.19 1.24 -11.24
C LYS A 72 -2.87 1.96 -10.07
N GLU A 73 -2.42 1.69 -8.84
CA GLU A 73 -2.94 2.42 -7.70
C GLU A 73 -2.62 3.91 -7.79
N ALA A 74 -1.39 4.25 -8.19
CA ALA A 74 -1.02 5.65 -8.36
C ALA A 74 -1.91 6.33 -9.39
N SER A 75 -2.14 5.68 -10.51
CA SER A 75 -3.00 6.22 -11.54
C SER A 75 -4.43 6.42 -11.05
N MET A 76 -4.93 5.43 -10.35
CA MET A 76 -6.27 5.46 -9.84
C MET A 76 -6.46 6.62 -8.86
N TRP A 77 -5.53 6.83 -7.95
CA TRP A 77 -5.65 7.93 -7.01
C TRP A 77 -5.59 9.32 -7.73
N ALA A 78 -4.69 9.47 -8.67
CA ALA A 78 -4.55 10.70 -9.43
C ALA A 78 -5.80 11.03 -10.28
N CYS A 79 -6.33 10.01 -10.93
CA CYS A 79 -7.53 10.15 -11.71
C CYS A 79 -8.73 10.52 -10.79
N ARG A 80 -8.80 9.88 -9.65
CA ARG A 80 -9.84 10.18 -8.68
C ARG A 80 -9.72 11.66 -8.25
N ALA A 81 -8.49 12.13 -8.10
CA ALA A 81 -8.28 13.52 -7.70
C ALA A 81 -8.81 14.47 -8.77
N VAL A 82 -8.69 14.10 -10.05
CA VAL A 82 -9.16 14.97 -11.12
C VAL A 82 -10.68 14.86 -11.27
N PHE A 83 -11.19 13.62 -11.31
CA PHE A 83 -12.63 13.43 -11.44
C PHE A 83 -13.39 14.12 -10.31
N GLN A 84 -12.90 13.97 -9.08
CA GLN A 84 -13.54 14.56 -7.90
C GLN A 84 -14.93 13.97 -7.68
N PRO A 85 -15.03 12.67 -7.41
CA PRO A 85 -16.33 12.09 -7.09
C PRO A 85 -16.82 12.58 -5.74
N GLU A 86 -18.11 12.37 -5.49
CA GLU A 86 -18.64 12.61 -4.16
C GLU A 86 -17.93 11.72 -3.16
N GLU A 87 -17.40 12.31 -2.10
CA GLU A 87 -16.67 11.58 -1.07
C GLU A 87 -17.54 11.59 0.20
N LYS A 88 -18.21 10.47 0.45
CA LYS A 88 -19.10 10.37 1.61
C LYS A 88 -18.34 10.21 2.92
N TYR A 89 -17.04 9.90 2.87
CA TYR A 89 -16.24 9.75 4.07
C TYR A 89 -14.78 10.03 3.79
N ILE B 3 29.46 1.67 -3.97
CA ILE B 3 28.23 0.88 -3.80
C ILE B 3 28.47 -0.30 -2.86
N GLU B 4 29.68 -0.90 -2.92
CA GLU B 4 29.97 -2.05 -2.07
C GLU B 4 29.91 -1.73 -0.59
N ASP B 5 29.89 -0.43 -0.22
CA ASP B 5 29.75 -0.08 1.19
C ASP B 5 28.34 -0.36 1.69
N ILE B 6 27.34 -0.35 0.81
CA ILE B 6 25.96 -0.63 1.19
C ILE B 6 25.76 -2.14 1.18
N LYS B 7 25.27 -2.68 2.30
CA LYS B 7 25.08 -4.12 2.42
C LYS B 7 24.04 -4.60 1.43
N GLY B 8 24.38 -5.66 0.69
CA GLY B 8 23.48 -6.23 -0.27
C GLY B 8 23.56 -5.68 -1.68
N TYR B 9 24.22 -4.56 -1.83
CA TYR B 9 24.35 -3.92 -3.12
C TYR B 9 25.36 -4.64 -4.04
N LYS B 10 25.13 -4.59 -5.33
CA LYS B 10 26.02 -5.20 -6.30
C LYS B 10 26.55 -4.13 -7.21
N PRO B 11 27.62 -4.40 -7.93
CA PRO B 11 28.15 -3.35 -8.80
C PRO B 11 27.19 -3.01 -9.94
N HIS B 12 27.24 -1.79 -10.40
CA HIS B 12 26.43 -1.39 -11.52
C HIS B 12 27.01 -1.97 -12.79
N THR B 13 26.15 -2.24 -13.76
CA THR B 13 26.55 -2.66 -15.07
C THR B 13 25.91 -1.69 -16.06
N GLU B 14 26.49 -1.57 -17.24
CA GLU B 14 25.94 -0.67 -18.24
C GLU B 14 24.49 -1.05 -18.55
N GLU B 15 24.20 -2.35 -18.62
CA GLU B 15 22.84 -2.78 -18.90
C GLU B 15 21.88 -2.36 -17.80
N LYS B 16 22.26 -2.59 -16.54
CA LYS B 16 21.38 -2.22 -15.43
C LYS B 16 21.18 -0.71 -15.36
N ILE B 17 22.25 0.06 -15.60
CA ILE B 17 22.14 1.52 -15.57
C ILE B 17 21.12 2.00 -16.59
N GLY B 18 21.15 1.44 -17.80
CA GLY B 18 20.22 1.87 -18.83
C GLY B 18 18.78 1.55 -18.48
N LYS B 19 18.53 0.36 -17.93
CA LYS B 19 17.17 -0.04 -17.60
C LYS B 19 16.63 0.78 -16.43
N VAL B 20 17.44 0.93 -15.39
CA VAL B 20 17.05 1.68 -14.21
C VAL B 20 16.73 3.13 -14.58
N ASN B 21 17.58 3.73 -15.41
CA ASN B 21 17.39 5.10 -15.84
C ASN B 21 16.11 5.26 -16.65
N ALA B 22 15.83 4.27 -17.49
CA ALA B 22 14.63 4.28 -18.32
C ALA B 22 13.37 4.26 -17.46
N ILE B 23 13.40 3.45 -16.40
CA ILE B 23 12.26 3.33 -15.49
C ILE B 23 12.04 4.63 -14.73
N LYS B 24 13.14 5.23 -14.27
CA LYS B 24 13.06 6.49 -13.53
C LYS B 24 12.60 7.63 -14.43
N ASP B 25 13.12 7.64 -15.66
CA ASP B 25 12.76 8.67 -16.62
C ASP B 25 11.25 8.75 -16.80
N ALA B 26 10.63 7.59 -17.03
CA ALA B 26 9.18 7.53 -17.22
C ALA B 26 8.45 7.88 -15.91
N GLU B 27 8.99 7.40 -14.80
CA GLU B 27 8.40 7.67 -13.49
C GLU B 27 8.33 9.17 -13.21
N VAL B 28 9.42 9.87 -13.53
CA VAL B 28 9.49 11.30 -13.32
C VAL B 28 8.46 12.03 -14.19
N ARG B 29 8.30 11.55 -15.42
CA ARG B 29 7.34 12.15 -16.33
C ARG B 29 5.95 12.19 -15.70
N LEU B 30 5.46 11.02 -15.29
CA LEU B 30 4.16 10.92 -14.66
C LEU B 30 4.16 11.76 -13.38
N GLY B 31 5.22 11.64 -12.61
CA GLY B 31 5.35 12.37 -11.37
C GLY B 31 5.19 13.89 -11.55
N LEU B 32 5.75 14.40 -12.63
CA LEU B 32 5.67 15.80 -12.97
C LEU B 32 4.22 16.17 -13.34
N ILE B 33 3.48 15.25 -13.93
CA ILE B 33 2.08 15.46 -14.23
C ILE B 33 1.35 15.59 -12.88
N PHE B 34 1.57 14.64 -11.97
CA PHE B 34 1.00 14.73 -10.64
C PHE B 34 1.35 16.08 -9.99
N ASP B 35 2.61 16.50 -10.14
CA ASP B 35 3.05 17.75 -9.51
C ASP B 35 2.34 18.95 -10.11
N ALA B 36 2.14 18.95 -11.43
CA ALA B 36 1.43 20.06 -12.06
C ALA B 36 -0.02 20.12 -11.62
N LEU B 37 -0.68 18.96 -11.55
CA LEU B 37 -2.05 18.93 -11.06
C LEU B 37 -2.13 19.39 -9.61
N TYR B 38 -1.15 18.98 -8.80
CA TYR B 38 -1.10 19.43 -7.41
C TYR B 38 -1.01 20.95 -7.33
N ASP B 39 -0.11 21.54 -8.12
CA ASP B 39 0.03 23.00 -8.13
C ASP B 39 -1.25 23.68 -8.57
N GLU B 40 -1.99 23.06 -9.50
CA GLU B 40 -3.26 23.66 -9.94
C GLU B 40 -4.26 23.72 -8.80
N PHE B 41 -4.45 22.61 -8.09
CA PHE B 41 -5.38 22.62 -6.97
C PHE B 41 -4.92 23.57 -5.87
N TRP B 42 -3.60 23.65 -5.65
CA TRP B 42 -3.07 24.59 -4.67
C TRP B 42 -3.41 26.03 -5.04
N GLU B 43 -3.19 26.39 -6.30
CA GLU B 43 -3.54 27.74 -6.76
C GLU B 43 -5.03 27.97 -6.65
N ALA B 44 -5.85 26.95 -6.95
CA ALA B 44 -7.29 27.08 -6.78
C ALA B 44 -7.66 27.35 -5.34
N LEU B 45 -6.96 26.73 -4.40
N LEU B 45 -6.96 26.73 -4.41
CA LEU B 45 -7.22 26.96 -2.99
CA LEU B 45 -7.22 26.94 -3.00
C LEU B 45 -6.81 28.37 -2.59
C LEU B 45 -6.80 28.36 -2.58
N ASP B 46 -5.75 28.86 -3.20
CA ASP B 46 -5.26 30.17 -2.91
C ASP B 46 -6.36 31.18 -3.25
N ASN B 47 -6.97 31.03 -4.42
CA ASN B 47 -8.06 31.88 -4.82
C ASN B 47 -9.37 31.66 -4.11
N CYS B 48 -9.74 30.41 -3.92
CA CYS B 48 -11.00 30.01 -3.31
C CYS B 48 -11.18 30.29 -1.86
N GLU B 49 -10.14 29.98 -1.08
CA GLU B 49 -10.13 30.17 0.35
C GLU B 49 -11.23 29.42 1.09
N ASP B 50 -12.24 30.18 1.44
CA ASP B 50 -13.38 29.77 2.21
C ASP B 50 -14.54 29.28 1.36
N CYS B 51 -14.33 29.14 0.07
CA CYS B 51 -15.41 28.77 -0.81
C CYS B 51 -15.95 27.35 -0.69
N GLU B 52 -17.04 27.10 -1.37
CA GLU B 52 -17.70 25.83 -1.31
C GLU B 52 -16.81 24.64 -1.69
N PHE B 53 -15.95 24.79 -2.68
CA PHE B 53 -15.09 23.72 -3.10
C PHE B 53 -13.74 23.57 -2.37
N ALA B 54 -13.52 24.33 -1.32
CA ALA B 54 -12.24 24.29 -0.62
C ALA B 54 -11.93 22.89 -0.12
N LYS B 55 -12.94 22.20 0.45
CA LYS B 55 -12.71 20.85 0.94
C LYS B 55 -12.44 19.87 -0.19
N ASN B 56 -13.06 20.07 -1.35
CA ASN B 56 -12.80 19.19 -2.48
C ASN B 56 -11.40 19.37 -3.02
N TYR B 57 -10.93 20.62 -3.13
CA TYR B 57 -9.55 20.87 -3.53
C TYR B 57 -8.57 20.24 -2.54
N ALA B 58 -8.84 20.40 -1.25
CA ALA B 58 -7.95 19.82 -0.24
C ALA B 58 -7.93 18.31 -0.32
N GLU B 59 -9.08 17.69 -0.61
CA GLU B 59 -9.12 16.23 -0.74
C GLU B 59 -8.33 15.76 -1.96
N SER B 60 -8.47 16.48 -3.08
CA SER B 60 -7.70 16.13 -4.28
C SER B 60 -6.21 16.30 -4.04
N LEU B 61 -5.83 17.32 -3.27
CA LEU B 61 -4.42 17.48 -2.90
C LEU B 61 -3.92 16.27 -2.13
N ASP B 62 -4.70 15.81 -1.14
CA ASP B 62 -4.31 14.64 -0.38
C ASP B 62 -4.22 13.40 -1.27
N GLN B 63 -5.16 13.27 -2.21
CA GLN B 63 -5.16 12.09 -3.08
C GLN B 63 -3.99 12.12 -4.06
N LEU B 64 -3.58 13.30 -4.52
CA LEU B 64 -2.41 13.40 -5.38
C LEU B 64 -1.13 13.12 -4.60
N THR B 65 -1.10 13.48 -3.31
CA THR B 65 0.03 13.10 -2.47
C THR B 65 0.14 11.59 -2.35
N ILE B 66 -1.00 10.93 -2.25
CA ILE B 66 -1.01 9.50 -2.19
C ILE B 66 -0.52 8.91 -3.52
N ALA B 67 -0.99 9.46 -4.63
CA ALA B 67 -0.59 9.01 -5.96
C ALA B 67 0.93 9.06 -6.12
N LYS B 68 1.51 10.18 -5.72
CA LYS B 68 2.95 10.40 -5.75
C LYS B 68 3.68 9.29 -4.96
N THR B 69 3.18 8.99 -3.78
CA THR B 69 3.72 7.96 -2.94
C THR B 69 3.69 6.61 -3.63
N LYS B 70 2.55 6.27 -4.20
CA LYS B 70 2.38 5.03 -4.91
C LYS B 70 3.37 4.92 -6.07
N LEU B 71 3.53 6.01 -6.81
CA LEU B 71 4.40 6.02 -7.95
C LEU B 71 5.86 5.73 -7.56
N LYS B 72 6.32 6.40 -6.51
CA LYS B 72 7.66 6.20 -6.01
C LYS B 72 7.85 4.73 -5.62
N GLU B 73 6.86 4.13 -4.98
CA GLU B 73 6.94 2.73 -4.60
C GLU B 73 7.01 1.82 -5.83
N ALA B 74 6.27 2.15 -6.87
CA ALA B 74 6.30 1.39 -8.10
C ALA B 74 7.74 1.40 -8.70
N SER B 75 8.30 2.58 -8.78
CA SER B 75 9.61 2.77 -9.31
C SER B 75 10.65 2.01 -8.48
N MET B 76 10.52 2.08 -7.18
CA MET B 76 11.45 1.44 -6.29
C MET B 76 11.42 -0.06 -6.46
N TRP B 77 10.23 -0.63 -6.54
CA TRP B 77 10.10 -2.06 -6.73
C TRP B 77 10.70 -2.50 -8.11
N ALA B 78 10.44 -1.70 -9.13
CA ALA B 78 10.91 -2.00 -10.46
C ALA B 78 12.43 -1.91 -10.55
N CYS B 79 12.99 -0.88 -9.95
CA CYS B 79 14.42 -0.68 -9.93
C CYS B 79 15.11 -1.82 -9.16
N ARG B 80 14.49 -2.25 -8.08
CA ARG B 80 14.98 -3.35 -7.29
C ARG B 80 15.04 -4.63 -8.12
N ALA B 81 14.02 -4.85 -8.95
CA ALA B 81 13.95 -5.99 -9.81
C ALA B 81 15.11 -6.02 -10.79
N VAL B 82 15.45 -4.86 -11.32
CA VAL B 82 16.59 -4.71 -12.20
C VAL B 82 17.96 -4.82 -11.54
N PHE B 83 18.18 -4.12 -10.45
CA PHE B 83 19.42 -4.15 -9.72
C PHE B 83 19.75 -5.55 -9.16
N GLN B 84 18.72 -6.28 -8.78
CA GLN B 84 18.85 -7.62 -8.22
C GLN B 84 19.81 -7.72 -7.04
N PRO B 85 19.49 -7.07 -5.93
CA PRO B 85 20.31 -7.20 -4.73
C PRO B 85 20.16 -8.55 -4.06
N GLU B 86 21.04 -8.84 -3.13
CA GLU B 86 20.91 -10.08 -2.38
C GLU B 86 19.64 -10.01 -1.56
N GLU B 87 18.77 -10.98 -1.71
CA GLU B 87 17.54 -11.00 -0.95
C GLU B 87 17.70 -12.01 0.21
N LYS B 88 17.95 -11.50 1.38
CA LYS B 88 18.15 -12.31 2.57
C LYS B 88 16.87 -12.97 3.12
N TYR B 89 15.72 -12.46 2.74
CA TYR B 89 14.48 -13.03 3.18
C TYR B 89 13.41 -12.76 2.11
N ILE C 3 -4.91 -10.78 27.51
CA ILE C 3 -4.31 -9.74 26.68
C ILE C 3 -3.02 -9.18 27.23
N GLU C 4 -2.85 -9.18 28.55
CA GLU C 4 -1.64 -8.68 29.18
C GLU C 4 -0.32 -9.47 28.90
N ASP C 5 -0.40 -10.67 28.33
CA ASP C 5 0.76 -11.41 27.94
C ASP C 5 1.36 -10.85 26.62
N ILE C 6 0.58 -10.14 25.83
CA ILE C 6 1.06 -9.59 24.56
C ILE C 6 1.63 -8.20 24.74
N LYS C 7 2.89 -8.01 24.40
CA LYS C 7 3.56 -6.73 24.53
C LYS C 7 2.81 -5.58 23.87
N GLY C 8 2.46 -4.57 24.65
CA GLY C 8 1.77 -3.42 24.15
C GLY C 8 0.26 -3.41 24.24
N TYR C 9 -0.33 -4.55 24.54
CA TYR C 9 -1.78 -4.63 24.64
C TYR C 9 -2.28 -3.98 25.92
N LYS C 10 -3.47 -3.39 25.85
CA LYS C 10 -4.15 -2.80 26.98
C LYS C 10 -5.47 -3.53 27.21
N PRO C 11 -6.00 -3.49 28.42
CA PRO C 11 -7.24 -4.23 28.63
C PRO C 11 -8.42 -3.74 27.82
N HIS C 12 -9.34 -4.64 27.54
CA HIS C 12 -10.54 -4.28 26.82
C HIS C 12 -11.51 -3.54 27.70
N THR C 13 -12.47 -2.90 27.06
CA THR C 13 -13.55 -2.23 27.71
C THR C 13 -14.79 -2.53 26.89
N GLU C 14 -15.95 -2.41 27.48
CA GLU C 14 -17.14 -2.70 26.73
C GLU C 14 -17.34 -1.78 25.55
N GLU C 15 -17.00 -0.50 25.69
CA GLU C 15 -17.12 0.43 24.60
C GLU C 15 -16.22 -0.01 23.45
N LYS C 16 -15.00 -0.40 23.75
CA LYS C 16 -14.05 -0.82 22.74
C LYS C 16 -14.56 -2.05 22.03
N ILE C 17 -14.90 -3.10 22.77
CA ILE C 17 -15.43 -4.32 22.21
C ILE C 17 -16.59 -4.06 21.24
N GLY C 18 -17.55 -3.24 21.61
CA GLY C 18 -18.65 -2.96 20.74
C GLY C 18 -18.24 -2.29 19.43
N LYS C 19 -17.35 -1.32 19.53
CA LYS C 19 -16.88 -0.60 18.36
C LYS C 19 -16.06 -1.50 17.44
N VAL C 20 -15.14 -2.24 18.02
CA VAL C 20 -14.30 -3.13 17.21
C VAL C 20 -15.16 -4.15 16.47
N ASN C 21 -16.11 -4.77 17.17
CA ASN C 21 -16.98 -5.74 16.52
C ASN C 21 -17.89 -5.07 15.49
N ALA C 22 -18.20 -3.82 15.65
CA ALA C 22 -19.00 -3.14 14.66
C ALA C 22 -18.16 -2.96 13.39
N ILE C 23 -16.89 -2.68 13.57
CA ILE C 23 -16.01 -2.53 12.45
C ILE C 23 -15.91 -3.87 11.73
N LYS C 24 -15.59 -4.91 12.47
CA LYS C 24 -15.44 -6.22 11.90
C LYS C 24 -16.70 -6.72 11.15
N ASP C 25 -17.88 -6.44 11.68
CA ASP C 25 -19.13 -6.86 11.05
C ASP C 25 -19.26 -6.21 9.69
N ALA C 26 -19.05 -4.89 9.64
CA ALA C 26 -19.13 -4.15 8.40
C ALA C 26 -18.05 -4.61 7.39
N GLU C 27 -16.87 -4.96 7.90
CA GLU C 27 -15.75 -5.42 7.09
C GLU C 27 -16.15 -6.71 6.37
N VAL C 28 -16.59 -7.69 7.15
CA VAL C 28 -17.00 -8.98 6.61
C VAL C 28 -18.12 -8.86 5.57
N ARG C 29 -19.07 -7.98 5.78
CA ARG C 29 -20.14 -7.74 4.85
C ARG C 29 -19.52 -7.38 3.49
N LEU C 30 -18.59 -6.43 3.48
CA LEU C 30 -17.96 -6.10 2.21
C LEU C 30 -17.09 -7.26 1.72
N GLY C 31 -16.34 -7.89 2.62
CA GLY C 31 -15.46 -8.97 2.23
C GLY C 31 -16.22 -10.13 1.59
N LEU C 32 -17.42 -10.43 2.09
CA LEU C 32 -18.21 -11.51 1.51
C LEU C 32 -18.70 -11.15 0.11
N ILE C 33 -18.93 -9.87 -0.15
CA ILE C 33 -19.25 -9.44 -1.51
C ILE C 33 -18.05 -9.69 -2.43
N PHE C 34 -16.87 -9.27 -2.00
CA PHE C 34 -15.65 -9.59 -2.74
C PHE C 34 -15.56 -11.09 -2.99
N ASP C 35 -15.79 -11.88 -1.95
CA ASP C 35 -15.69 -13.34 -2.08
C ASP C 35 -16.68 -13.88 -3.09
N ALA C 36 -17.92 -13.40 -3.06
CA ALA C 36 -18.92 -13.85 -4.02
C ALA C 36 -18.49 -13.52 -5.45
N LEU C 37 -18.00 -12.30 -5.67
CA LEU C 37 -17.54 -11.92 -7.01
C LEU C 37 -16.36 -12.77 -7.44
N TYR C 38 -15.45 -13.07 -6.50
CA TYR C 38 -14.31 -13.92 -6.83
C TYR C 38 -14.76 -15.29 -7.33
N ASP C 39 -15.67 -15.93 -6.60
CA ASP C 39 -16.15 -17.25 -6.99
C ASP C 39 -16.81 -17.20 -8.36
N GLU C 40 -17.61 -16.16 -8.63
CA GLU C 40 -18.25 -16.03 -9.92
C GLU C 40 -17.22 -15.96 -11.04
N PHE C 41 -16.20 -15.12 -10.89
CA PHE C 41 -15.17 -15.00 -11.91
C PHE C 41 -14.41 -16.31 -12.07
N TRP C 42 -14.17 -17.02 -10.96
CA TRP C 42 -13.43 -18.28 -11.05
C TRP C 42 -14.17 -19.29 -11.92
N GLU C 43 -15.47 -19.45 -11.69
CA GLU C 43 -16.25 -20.38 -12.50
C GLU C 43 -16.24 -19.98 -13.96
N ALA C 44 -16.38 -18.69 -14.24
CA ALA C 44 -16.35 -18.23 -15.63
C ALA C 44 -15.02 -18.57 -16.30
N LEU C 45 -13.91 -18.39 -15.58
CA LEU C 45 -12.62 -18.76 -16.14
C LEU C 45 -12.51 -20.27 -16.31
N ASP C 46 -13.04 -21.03 -15.36
CA ASP C 46 -12.96 -22.49 -15.42
C ASP C 46 -13.74 -23.07 -16.60
N ASN C 47 -14.73 -22.35 -17.12
CA ASN C 47 -15.53 -22.89 -18.22
C ASN C 47 -14.74 -22.90 -19.53
N CYS C 48 -13.79 -21.98 -19.70
CA CYS C 48 -13.05 -21.90 -20.96
C CYS C 48 -11.77 -21.06 -20.69
N GLU C 49 -10.70 -21.78 -20.36
CA GLU C 49 -9.43 -21.12 -20.03
C GLU C 49 -8.67 -20.65 -21.26
N ASP C 50 -9.05 -21.10 -22.46
CA ASP C 50 -8.44 -20.64 -23.70
C ASP C 50 -9.28 -19.58 -24.41
N CYS C 51 -10.43 -19.24 -23.88
CA CYS C 51 -11.27 -18.23 -24.51
C CYS C 51 -10.67 -16.82 -24.49
N GLU C 52 -11.21 -15.96 -25.32
CA GLU C 52 -10.68 -14.62 -25.42
C GLU C 52 -10.75 -13.86 -24.09
N PHE C 53 -11.79 -14.02 -23.32
CA PHE C 53 -11.94 -13.31 -22.06
C PHE C 53 -11.29 -13.95 -20.83
N ALA C 54 -10.64 -15.09 -20.99
CA ALA C 54 -10.02 -15.76 -19.85
C ALA C 54 -8.97 -14.88 -19.20
N LYS C 55 -8.18 -14.19 -20.00
CA LYS C 55 -7.22 -13.29 -19.45
C LYS C 55 -7.91 -12.22 -18.59
N ASN C 56 -9.01 -11.66 -19.03
CA ASN C 56 -9.69 -10.63 -18.26
C ASN C 56 -10.23 -11.20 -16.95
N TYR C 57 -10.82 -12.38 -16.97
CA TYR C 57 -11.31 -12.97 -15.74
C TYR C 57 -10.19 -13.23 -14.75
N ALA C 58 -9.06 -13.69 -15.27
CA ALA C 58 -7.92 -13.97 -14.45
C ALA C 58 -7.39 -12.70 -13.76
N GLU C 59 -7.37 -11.61 -14.52
CA GLU C 59 -6.95 -10.35 -14.00
C GLU C 59 -7.90 -9.87 -12.90
N SER C 60 -9.19 -10.07 -13.13
CA SER C 60 -10.21 -9.70 -12.17
C SER C 60 -10.03 -10.47 -10.87
N LEU C 61 -9.67 -11.74 -10.94
CA LEU C 61 -9.42 -12.51 -9.74
C LEU C 61 -8.25 -11.93 -8.94
N ASP C 62 -7.18 -11.57 -9.62
CA ASP C 62 -6.04 -10.97 -8.97
C ASP C 62 -6.42 -9.62 -8.30
N GLN C 63 -7.23 -8.85 -9.00
CA GLN C 63 -7.70 -7.57 -8.49
C GLN C 63 -8.55 -7.73 -7.22
N LEU C 64 -9.43 -8.70 -7.21
CA LEU C 64 -10.26 -9.00 -6.06
C LEU C 64 -9.41 -9.46 -4.86
N THR C 65 -8.37 -10.21 -5.14
CA THR C 65 -7.45 -10.66 -4.13
C THR C 65 -6.78 -9.43 -3.48
N ILE C 66 -6.37 -8.48 -4.28
CA ILE C 66 -5.80 -7.25 -3.78
C ILE C 66 -6.83 -6.49 -2.95
N ALA C 67 -8.04 -6.44 -3.46
CA ALA C 67 -9.12 -5.79 -2.81
C ALA C 67 -9.33 -6.36 -1.40
N LYS C 68 -9.40 -7.67 -1.28
CA LYS C 68 -9.53 -8.32 0.01
C LYS C 68 -8.40 -7.93 0.95
N THR C 69 -7.17 -7.89 0.44
CA THR C 69 -6.03 -7.54 1.27
C THR C 69 -6.13 -6.11 1.78
N LYS C 70 -6.53 -5.18 0.92
CA LYS C 70 -6.72 -3.80 1.36
C LYS C 70 -7.80 -3.72 2.44
N LEU C 71 -8.91 -4.43 2.25
CA LEU C 71 -10.01 -4.35 3.20
C LEU C 71 -9.56 -4.81 4.60
N LYS C 72 -8.80 -5.91 4.66
CA LYS C 72 -8.32 -6.37 5.95
C LYS C 72 -7.36 -5.38 6.59
N GLU C 73 -6.58 -4.68 5.77
CA GLU C 73 -5.69 -3.65 6.32
C GLU C 73 -6.48 -2.47 6.86
N ALA C 74 -7.53 -2.09 6.17
CA ALA C 74 -8.38 -1.03 6.60
C ALA C 74 -8.95 -1.36 7.99
N SER C 75 -9.44 -2.57 8.13
CA SER C 75 -10.00 -3.05 9.38
C SER C 75 -8.99 -3.10 10.52
N MET C 76 -7.81 -3.60 10.23
CA MET C 76 -6.78 -3.68 11.23
C MET C 76 -6.38 -2.27 11.72
N TRP C 77 -6.21 -1.32 10.82
CA TRP C 77 -5.88 0.04 11.23
C TRP C 77 -7.01 0.69 12.08
N ALA C 78 -8.25 0.50 11.68
CA ALA C 78 -9.40 1.06 12.40
C ALA C 78 -9.48 0.44 13.77
N CYS C 79 -9.35 -0.87 13.82
CA CYS C 79 -9.40 -1.58 15.07
C CYS C 79 -8.29 -1.11 16.01
N ARG C 80 -7.09 -0.96 15.48
CA ARG C 80 -5.95 -0.45 16.23
C ARG C 80 -6.26 0.93 16.82
N ALA C 81 -6.88 1.78 16.04
CA ALA C 81 -7.30 3.09 16.46
C ALA C 81 -8.24 3.02 17.67
N VAL C 82 -9.18 2.08 17.63
CA VAL C 82 -10.11 1.92 18.76
C VAL C 82 -9.44 1.29 19.98
N PHE C 83 -8.70 0.21 19.79
CA PHE C 83 -7.99 -0.45 20.86
C PHE C 83 -6.96 0.43 21.55
N GLN C 84 -6.27 1.29 20.79
CA GLN C 84 -5.29 2.22 21.31
C GLN C 84 -4.20 1.49 22.08
N PRO C 85 -3.46 0.59 21.45
CA PRO C 85 -2.36 -0.08 22.14
C PRO C 85 -1.24 0.92 22.44
N GLU C 86 -0.25 0.42 23.19
CA GLU C 86 0.94 1.22 23.43
C GLU C 86 1.70 1.41 22.12
N GLU C 87 1.95 2.67 21.76
CA GLU C 87 2.64 3.01 20.51
C GLU C 87 4.03 3.52 20.87
N LYS C 88 5.04 2.67 20.74
CA LYS C 88 6.40 3.03 21.06
C LYS C 88 7.13 3.83 20.01
N TYR C 89 6.58 3.90 18.82
CA TYR C 89 7.17 4.71 17.78
C TYR C 89 6.12 5.20 16.79
N MET D 2 34.32 9.86 -10.49
CA MET D 2 33.36 9.34 -11.45
C MET D 2 32.01 10.01 -11.25
N ILE D 3 31.41 10.44 -12.36
CA ILE D 3 30.10 11.11 -12.47
C ILE D 3 28.95 10.15 -12.08
N GLU D 4 27.88 10.65 -11.47
CA GLU D 4 26.76 9.79 -11.06
C GLU D 4 25.96 9.18 -12.22
N ASP D 5 25.90 7.87 -12.27
CA ASP D 5 25.27 7.19 -13.39
C ASP D 5 23.78 7.03 -13.25
N ILE D 6 23.25 7.03 -12.02
CA ILE D 6 21.84 6.79 -11.77
C ILE D 6 21.12 8.12 -11.64
N LYS D 7 20.05 8.29 -12.40
CA LYS D 7 19.27 9.52 -12.37
C LYS D 7 18.80 9.83 -10.95
N GLY D 8 19.18 11.01 -10.45
CA GLY D 8 18.74 11.48 -9.16
C GLY D 8 19.60 11.07 -7.98
N TYR D 9 20.56 10.18 -8.18
CA TYR D 9 21.41 9.75 -7.08
C TYR D 9 22.40 10.84 -6.70
N LYS D 10 22.60 11.02 -5.41
CA LYS D 10 23.62 11.90 -4.88
C LYS D 10 24.69 11.09 -4.16
N PRO D 11 25.85 11.68 -3.88
CA PRO D 11 26.97 10.88 -3.36
C PRO D 11 26.68 10.36 -1.95
N HIS D 12 27.36 9.26 -1.62
CA HIS D 12 27.30 8.74 -0.27
C HIS D 12 28.14 9.59 0.67
N THR D 13 27.86 9.44 1.96
CA THR D 13 28.73 9.94 3.02
C THR D 13 28.84 8.86 4.08
N GLU D 14 29.94 8.88 4.83
CA GLU D 14 30.16 7.87 5.85
C GLU D 14 29.00 7.82 6.83
N GLU D 15 28.44 8.98 7.17
CA GLU D 15 27.29 9.01 8.07
C GLU D 15 26.08 8.34 7.45
N LYS D 16 25.83 8.59 6.16
CA LYS D 16 24.69 7.97 5.49
C LYS D 16 24.87 6.47 5.36
N ILE D 17 26.07 6.02 5.01
CA ILE D 17 26.33 4.59 4.89
C ILE D 17 26.05 3.89 6.21
N GLY D 18 26.58 4.41 7.31
CA GLY D 18 26.34 3.80 8.61
C GLY D 18 24.87 3.73 8.96
N LYS D 19 24.13 4.80 8.70
CA LYS D 19 22.70 4.81 9.02
C LYS D 19 21.93 3.83 8.15
N VAL D 20 22.21 3.83 6.84
CA VAL D 20 21.50 2.92 5.94
C VAL D 20 21.77 1.47 6.31
N ASN D 21 23.04 1.14 6.60
CA ASN D 21 23.37 -0.22 6.97
C ASN D 21 22.76 -0.61 8.32
N ALA D 22 22.56 0.37 9.22
CA ALA D 22 21.88 0.08 10.47
C ALA D 22 20.41 -0.24 10.22
N ILE D 23 19.76 0.50 9.31
CA ILE D 23 18.38 0.20 8.95
C ILE D 23 18.27 -1.21 8.38
N LYS D 24 19.13 -1.53 7.41
CA LYS D 24 19.06 -2.83 6.75
C LYS D 24 19.36 -3.96 7.72
N ASP D 25 20.30 -3.74 8.64
CA ASP D 25 20.59 -4.75 9.66
C ASP D 25 19.34 -5.10 10.46
N ALA D 26 18.70 -4.07 11.02
CA ALA D 26 17.48 -4.32 11.79
C ALA D 26 16.34 -4.84 10.92
N GLU D 27 16.31 -4.42 9.65
CA GLU D 27 15.30 -4.94 8.74
C GLU D 27 15.46 -6.44 8.55
N VAL D 28 16.69 -6.89 8.27
CA VAL D 28 16.92 -8.31 8.00
C VAL D 28 16.67 -9.15 9.24
N ARG D 29 16.99 -8.63 10.43
CA ARG D 29 16.72 -9.35 11.65
C ARG D 29 15.24 -9.70 11.76
N LEU D 30 14.37 -8.71 11.56
CA LEU D 30 12.94 -8.98 11.56
C LEU D 30 12.53 -9.87 10.39
N GLY D 31 13.13 -9.63 9.21
CA GLY D 31 12.79 -10.42 8.04
C GLY D 31 13.12 -11.89 8.22
N LEU D 32 14.22 -12.19 8.91
CA LEU D 32 14.58 -13.59 9.13
C LEU D 32 13.61 -14.26 10.10
N ILE D 33 13.05 -13.51 11.04
CA ILE D 33 11.97 -14.05 11.87
C ILE D 33 10.77 -14.40 11.01
N PHE D 34 10.40 -13.49 10.10
CA PHE D 34 9.33 -13.80 9.14
C PHE D 34 9.67 -15.05 8.35
N ASP D 35 10.92 -15.17 7.89
CA ASP D 35 11.31 -16.32 7.09
C ASP D 35 11.18 -17.61 7.89
N ALA D 36 11.59 -17.59 9.16
CA ALA D 36 11.51 -18.79 9.98
C ALA D 36 10.08 -19.23 10.20
N LEU D 37 9.20 -18.29 10.54
CA LEU D 37 7.78 -18.62 10.67
C LEU D 37 7.22 -19.16 9.36
N TYR D 38 7.63 -18.58 8.24
CA TYR D 38 7.17 -19.04 6.93
C TYR D 38 7.56 -20.50 6.71
N ASP D 39 8.84 -20.82 6.88
CA ASP D 39 9.30 -22.19 6.68
C ASP D 39 8.59 -23.16 7.61
N GLU D 40 8.36 -22.74 8.86
CA GLU D 40 7.65 -23.60 9.81
C GLU D 40 6.24 -23.90 9.33
N PHE D 41 5.50 -22.89 8.91
CA PHE D 41 4.17 -23.08 8.40
C PHE D 41 4.17 -23.98 7.17
N TRP D 42 5.12 -23.77 6.28
CA TRP D 42 5.19 -24.55 5.07
C TRP D 42 5.42 -26.01 5.35
N GLU D 43 6.32 -26.27 6.28
CA GLU D 43 6.60 -27.63 6.68
C GLU D 43 5.37 -28.27 7.28
N ALA D 44 4.63 -27.55 8.10
CA ALA D 44 3.41 -28.08 8.66
C ALA D 44 2.42 -28.43 7.53
N LEU D 45 2.26 -27.51 6.58
CA LEU D 45 1.36 -27.70 5.47
C LEU D 45 1.73 -28.94 4.68
N ASP D 46 3.00 -29.08 4.41
CA ASP D 46 3.55 -30.21 3.70
C ASP D 46 3.29 -31.55 4.40
N ASN D 47 3.29 -31.56 5.71
CA ASN D 47 3.07 -32.77 6.43
C ASN D 47 1.64 -32.88 6.90
N CYS D 48 0.77 -32.01 6.39
CA CYS D 48 -0.62 -32.02 6.80
C CYS D 48 -1.47 -32.87 5.89
N CYS D 51 -5.35 -32.23 6.65
CA CYS D 51 -5.66 -32.10 8.07
C CYS D 51 -6.50 -30.89 8.31
N GLU D 52 -7.10 -30.84 9.47
CA GLU D 52 -7.99 -29.77 9.80
C GLU D 52 -7.45 -28.35 9.66
N PHE D 53 -6.16 -28.14 9.77
CA PHE D 53 -5.61 -26.79 9.71
C PHE D 53 -4.90 -26.37 8.42
N ALA D 54 -5.02 -27.16 7.36
CA ALA D 54 -4.34 -26.85 6.13
C ALA D 54 -4.66 -25.47 5.60
N LYS D 55 -5.94 -25.13 5.55
CA LYS D 55 -6.38 -23.82 5.09
C LYS D 55 -5.73 -22.69 5.90
N ASN D 56 -5.72 -22.86 7.21
CA ASN D 56 -5.13 -21.89 8.11
C ASN D 56 -3.65 -21.70 7.83
N TYR D 57 -2.95 -22.80 7.57
CA TYR D 57 -1.53 -22.72 7.27
C TYR D 57 -1.29 -21.93 5.99
N ALA D 58 -2.07 -22.21 4.94
CA ALA D 58 -1.88 -21.52 3.67
C ALA D 58 -2.18 -20.03 3.79
N GLU D 59 -3.25 -19.68 4.52
CA GLU D 59 -3.55 -18.28 4.75
C GLU D 59 -2.41 -17.60 5.49
N SER D 60 -1.85 -18.27 6.51
CA SER D 60 -0.72 -17.70 7.24
C SER D 60 0.48 -17.50 6.32
N LEU D 61 0.71 -18.44 5.41
CA LEU D 61 1.80 -18.27 4.46
C LEU D 61 1.59 -17.05 3.58
N ASP D 62 0.35 -16.86 3.09
CA ASP D 62 0.06 -15.67 2.29
C ASP D 62 0.25 -14.40 3.09
N GLN D 63 -0.09 -14.42 4.37
CA GLN D 63 0.00 -13.22 5.18
C GLN D 63 1.45 -12.89 5.54
N LEU D 64 2.30 -13.91 5.70
CA LEU D 64 3.71 -13.66 5.93
C LEU D 64 4.39 -13.15 4.66
N THR D 65 3.95 -13.61 3.49
CA THR D 65 4.44 -13.05 2.24
C THR D 65 4.16 -11.55 2.17
N ILE D 66 2.93 -11.16 2.54
CA ILE D 66 2.60 -9.74 2.59
C ILE D 66 3.49 -9.03 3.60
N ALA D 67 3.68 -9.63 4.78
CA ALA D 67 4.49 -9.01 5.81
C ALA D 67 5.90 -8.71 5.31
N LYS D 68 6.53 -9.69 4.66
CA LYS D 68 7.87 -9.48 4.11
C LYS D 68 7.87 -8.33 3.10
N THR D 69 6.84 -8.25 2.26
CA THR D 69 6.76 -7.18 1.28
C THR D 69 6.66 -5.82 1.97
N LYS D 70 5.78 -5.72 2.98
CA LYS D 70 5.65 -4.47 3.72
C LYS D 70 6.96 -4.09 4.39
N LEU D 71 7.69 -5.08 4.91
CA LEU D 71 8.96 -4.78 5.58
C LEU D 71 9.98 -4.23 4.61
N LYS D 72 10.08 -4.82 3.42
CA LYS D 72 11.01 -4.30 2.42
C LYS D 72 10.65 -2.88 2.02
N GLU D 73 9.35 -2.58 1.92
CA GLU D 73 8.92 -1.22 1.62
C GLU D 73 9.26 -0.27 2.77
N ALA D 74 9.11 -0.73 4.00
CA ALA D 74 9.50 0.08 5.15
C ALA D 74 10.98 0.45 5.06
N SER D 75 11.83 -0.54 4.75
CA SER D 75 13.26 -0.29 4.69
C SER D 75 13.63 0.61 3.52
N MET D 76 12.99 0.42 2.37
CA MET D 76 13.32 1.25 1.21
C MET D 76 12.96 2.71 1.46
N TRP D 77 11.80 2.97 2.06
CA TRP D 77 11.42 4.35 2.36
C TRP D 77 12.37 5.00 3.35
N ALA D 78 12.80 4.24 4.36
CA ALA D 78 13.68 4.81 5.39
C ALA D 78 15.08 5.08 4.86
N CYS D 79 15.62 4.15 4.06
CA CYS D 79 16.94 4.38 3.47
C CYS D 79 16.88 5.52 2.46
N ARG D 80 15.80 5.59 1.68
CA ARG D 80 15.60 6.74 0.81
C ARG D 80 15.62 8.04 1.61
N ALA D 81 14.95 8.07 2.75
CA ALA D 81 14.92 9.26 3.57
C ALA D 81 16.32 9.65 4.04
N VAL D 82 17.16 8.66 4.34
CA VAL D 82 18.52 8.93 4.76
C VAL D 82 19.38 9.35 3.58
N PHE D 83 19.30 8.59 2.49
CA PHE D 83 20.08 8.92 1.29
C PHE D 83 19.77 10.32 0.79
N GLN D 84 18.49 10.68 0.75
CA GLN D 84 18.05 11.97 0.24
C GLN D 84 18.48 12.15 -1.21
N PRO D 85 18.00 11.30 -2.12
CA PRO D 85 18.22 11.56 -3.55
C PRO D 85 17.42 12.78 -3.98
N GLU D 86 17.72 13.26 -5.18
CA GLU D 86 16.93 14.33 -5.76
C GLU D 86 15.48 13.88 -5.91
N GLU D 87 14.56 14.70 -5.42
CA GLU D 87 13.13 14.43 -5.48
C GLU D 87 12.50 15.41 -6.46
N LYS D 88 12.34 15.00 -7.71
CA LYS D 88 11.81 15.88 -8.74
C LYS D 88 10.33 16.17 -8.54
N TYR D 89 9.61 15.32 -7.82
CA TYR D 89 8.20 15.54 -7.54
C TYR D 89 7.84 15.04 -6.15
N MET E 2 -19.64 10.60 -21.82
CA MET E 2 -19.49 9.28 -22.38
C MET E 2 -18.23 8.63 -21.95
N ILE E 3 -18.35 7.35 -21.69
CA ILE E 3 -17.25 6.57 -21.23
C ILE E 3 -16.21 6.43 -22.30
N GLU E 4 -16.61 6.47 -23.55
CA GLU E 4 -15.68 6.31 -24.66
C GLU E 4 -14.60 7.38 -24.67
N ASP E 5 -14.84 8.52 -24.02
CA ASP E 5 -13.84 9.58 -23.98
C ASP E 5 -12.66 9.25 -23.07
N ILE E 6 -12.83 8.29 -22.16
CA ILE E 6 -11.80 7.92 -21.21
C ILE E 6 -11.05 6.72 -21.76
N LYS E 7 -9.73 6.87 -21.89
CA LYS E 7 -8.91 5.81 -22.47
C LYS E 7 -9.02 4.53 -21.64
N GLY E 8 -9.32 3.42 -22.32
CA GLY E 8 -9.41 2.13 -21.67
C GLY E 8 -10.77 1.78 -21.11
N TYR E 9 -11.68 2.74 -21.00
CA TYR E 9 -13.00 2.46 -20.47
C TYR E 9 -13.83 1.65 -21.47
N LYS E 10 -14.68 0.81 -20.93
CA LYS E 10 -15.57 -0.02 -21.72
C LYS E 10 -17.01 0.22 -21.32
N PRO E 11 -17.98 -0.16 -22.16
CA PRO E 11 -19.38 0.17 -21.86
C PRO E 11 -19.85 -0.51 -20.58
N HIS E 12 -20.78 0.16 -19.91
CA HIS E 12 -21.43 -0.44 -18.75
C HIS E 12 -22.36 -1.56 -19.19
N THR E 13 -22.74 -2.38 -18.23
CA THR E 13 -23.85 -3.31 -18.38
C THR E 13 -24.71 -3.24 -17.12
N GLU E 14 -25.93 -3.73 -17.20
N GLU E 14 -25.92 -3.73 -17.23
CA GLU E 14 -26.81 -3.70 -16.06
CA GLU E 14 -26.84 -3.73 -16.11
C GLU E 14 -26.24 -4.52 -14.91
C GLU E 14 -26.27 -4.52 -14.93
N GLU E 15 -25.61 -5.64 -15.24
CA GLU E 15 -25.01 -6.46 -14.19
C GLU E 15 -23.85 -5.74 -13.52
N LYS E 16 -22.95 -5.16 -14.33
CA LYS E 16 -21.80 -4.45 -13.78
C LYS E 16 -22.26 -3.30 -12.89
N ILE E 17 -23.23 -2.51 -13.37
CA ILE E 17 -23.73 -1.38 -12.60
C ILE E 17 -24.22 -1.84 -11.23
N GLY E 18 -25.00 -2.92 -11.20
CA GLY E 18 -25.53 -3.40 -9.94
C GLY E 18 -24.45 -3.88 -8.98
N LYS E 19 -23.44 -4.58 -9.52
CA LYS E 19 -22.37 -5.06 -8.67
C LYS E 19 -21.49 -3.91 -8.17
N VAL E 20 -21.16 -2.97 -9.05
CA VAL E 20 -20.33 -1.83 -8.65
C VAL E 20 -21.01 -1.04 -7.54
N ASN E 21 -22.30 -0.77 -7.71
CA ASN E 21 -23.02 -0.02 -6.68
C ASN E 21 -23.20 -0.83 -5.41
N ALA E 22 -23.25 -2.17 -5.52
CA ALA E 22 -23.29 -2.99 -4.32
C ALA E 22 -21.98 -2.87 -3.54
N ILE E 23 -20.85 -2.87 -4.24
CA ILE E 23 -19.57 -2.66 -3.58
C ILE E 23 -19.53 -1.29 -2.91
N LYS E 24 -19.86 -0.24 -3.67
CA LYS E 24 -19.78 1.11 -3.13
C LYS E 24 -20.71 1.29 -1.94
N ASP E 25 -21.91 0.70 -1.99
CA ASP E 25 -22.83 0.80 -0.88
C ASP E 25 -22.22 0.20 0.39
N ALA E 26 -21.73 -1.00 0.30
CA ALA E 26 -21.13 -1.64 1.45
C ALA E 26 -19.85 -0.92 1.89
N GLU E 27 -19.15 -0.31 0.95
CA GLU E 27 -17.93 0.42 1.25
C GLU E 27 -18.30 1.64 2.11
N VAL E 28 -19.32 2.35 1.68
CA VAL E 28 -19.76 3.51 2.40
C VAL E 28 -20.25 3.20 3.83
N ARG E 29 -20.90 2.08 4.05
CA ARG E 29 -21.36 1.72 5.38
C ARG E 29 -20.18 1.64 6.33
N LEU E 30 -19.13 0.98 5.90
CA LEU E 30 -17.94 0.86 6.70
C LEU E 30 -17.23 2.20 6.89
N GLY E 31 -17.11 2.97 5.81
CA GLY E 31 -16.49 4.26 5.81
C GLY E 31 -17.12 5.24 6.78
N LEU E 32 -18.45 5.20 6.86
CA LEU E 32 -19.21 6.01 7.78
C LEU E 32 -18.93 5.60 9.23
N ILE E 33 -18.67 4.32 9.45
CA ILE E 33 -18.29 3.88 10.77
C ILE E 33 -16.92 4.50 11.08
N PHE E 34 -15.97 4.42 10.15
CA PHE E 34 -14.68 5.09 10.31
C PHE E 34 -14.88 6.57 10.60
N ASP E 35 -15.73 7.23 9.82
CA ASP E 35 -15.94 8.66 9.97
C ASP E 35 -16.53 8.99 11.35
N ALA E 36 -17.49 8.19 11.81
CA ALA E 36 -18.07 8.43 13.13
C ALA E 36 -17.02 8.32 14.22
N LEU E 37 -16.21 7.26 14.18
CA LEU E 37 -15.14 7.12 15.16
C LEU E 37 -14.15 8.28 15.08
N TYR E 38 -13.83 8.73 13.86
CA TYR E 38 -12.92 9.85 13.70
C TYR E 38 -13.49 11.10 14.38
N ASP E 39 -14.74 11.44 14.08
CA ASP E 39 -15.35 12.62 14.67
C ASP E 39 -15.38 12.52 16.19
N GLU E 40 -15.69 11.33 16.72
CA GLU E 40 -15.68 11.14 18.17
C GLU E 40 -14.31 11.44 18.75
N PHE E 41 -13.25 10.88 18.15
CA PHE E 41 -11.90 11.13 18.63
C PHE E 41 -11.55 12.62 18.53
N TRP E 42 -12.00 13.27 17.47
CA TRP E 42 -11.71 14.67 17.27
C TRP E 42 -12.39 15.56 18.30
N GLU E 43 -13.66 15.32 18.55
CA GLU E 43 -14.38 16.08 19.56
C GLU E 43 -13.68 15.89 20.88
N ALA E 44 -13.26 14.67 21.18
CA ALA E 44 -12.57 14.40 22.42
C ALA E 44 -11.33 15.25 22.53
N LEU E 45 -10.52 15.29 21.49
CA LEU E 45 -9.30 16.09 21.47
C LEU E 45 -9.59 17.58 21.56
N ASP E 46 -10.57 18.05 20.81
CA ASP E 46 -10.96 19.44 20.76
C ASP E 46 -11.44 20.01 22.08
N ASN E 47 -12.07 19.19 22.88
CA ASN E 47 -12.58 19.61 24.14
C ASN E 47 -11.68 19.16 25.27
N CYS E 48 -10.47 18.74 24.94
CA CYS E 48 -9.56 18.37 25.98
C CYS E 48 -8.33 19.25 25.90
N CYS E 51 -4.83 17.27 28.04
CA CYS E 51 -5.27 16.22 28.96
C CYS E 51 -4.48 14.95 28.79
N GLU E 52 -4.72 14.00 29.68
CA GLU E 52 -3.98 12.75 29.72
C GLU E 52 -3.76 11.97 28.40
N PHE E 53 -4.80 11.76 27.65
CA PHE E 53 -4.68 10.97 26.45
C PHE E 53 -4.69 11.68 25.09
N ALA E 54 -4.34 12.95 25.11
CA ALA E 54 -4.29 13.75 23.90
C ALA E 54 -3.47 13.09 22.81
N LYS E 55 -2.28 12.62 23.15
CA LYS E 55 -1.40 11.95 22.20
C LYS E 55 -2.09 10.70 21.59
N ASN E 56 -2.77 9.94 22.43
CA ASN E 56 -3.47 8.76 22.00
C ASN E 56 -4.59 9.10 21.04
N TYR E 57 -5.35 10.16 21.31
CA TYR E 57 -6.42 10.58 20.40
C TYR E 57 -5.86 10.97 19.05
N ALA E 58 -4.79 11.78 19.05
CA ALA E 58 -4.19 12.20 17.79
C ALA E 58 -3.68 11.00 16.99
N GLU E 59 -3.10 10.02 17.68
CA GLU E 59 -2.59 8.84 16.98
C GLU E 59 -3.72 8.06 16.31
N SER E 60 -4.84 7.87 17.02
CA SER E 60 -5.96 7.14 16.44
C SER E 60 -6.58 7.90 15.28
N LEU E 61 -6.59 9.23 15.32
CA LEU E 61 -7.05 10.00 14.17
C LEU E 61 -6.21 9.70 12.94
N ASP E 62 -4.89 9.64 13.12
CA ASP E 62 -4.01 9.29 12.00
C ASP E 62 -4.31 7.89 11.49
N GLN E 63 -4.51 6.94 12.40
CA GLN E 63 -4.74 5.56 11.99
C GLN E 63 -6.09 5.39 11.31
N LEU E 64 -7.10 6.18 11.71
CA LEU E 64 -8.38 6.13 11.01
C LEU E 64 -8.29 6.77 9.63
N THR E 65 -7.44 7.78 9.47
CA THR E 65 -7.21 8.33 8.14
C THR E 65 -6.60 7.27 7.23
N ILE E 66 -5.62 6.51 7.74
CA ILE E 66 -5.07 5.40 6.98
C ILE E 66 -6.16 4.39 6.62
N ALA E 67 -6.96 4.01 7.63
CA ALA E 67 -8.03 3.04 7.39
C ALA E 67 -8.96 3.49 6.28
N LYS E 68 -9.35 4.77 6.29
CA LYS E 68 -10.21 5.28 5.23
C LYS E 68 -9.55 5.16 3.86
N THR E 69 -8.25 5.44 3.81
CA THR E 69 -7.51 5.34 2.55
C THR E 69 -7.48 3.90 2.04
N LYS E 70 -7.20 2.95 2.94
CA LYS E 70 -7.18 1.55 2.56
C LYS E 70 -8.53 1.11 2.03
N LEU E 71 -9.62 1.55 2.69
CA LEU E 71 -10.96 1.15 2.28
C LEU E 71 -11.27 1.64 0.87
N LYS E 72 -10.91 2.89 0.56
CA LYS E 72 -11.15 3.41 -0.78
C LYS E 72 -10.33 2.64 -1.82
N GLU E 73 -9.12 2.22 -1.45
CA GLU E 73 -8.32 1.40 -2.36
C GLU E 73 -8.95 0.03 -2.56
N ALA E 74 -9.48 -0.56 -1.50
CA ALA E 74 -10.16 -1.83 -1.59
C ALA E 74 -11.33 -1.72 -2.61
N SER E 75 -12.14 -0.69 -2.45
CA SER E 75 -13.27 -0.46 -3.33
C SER E 75 -12.86 -0.21 -4.79
N MET E 76 -11.83 0.56 -4.97
CA MET E 76 -11.38 0.85 -6.30
C MET E 76 -10.92 -0.44 -7.03
N TRP E 77 -10.17 -1.27 -6.32
CA TRP E 77 -9.70 -2.50 -6.91
C TRP E 77 -10.89 -3.43 -7.25
N ALA E 78 -11.84 -3.54 -6.35
CA ALA E 78 -13.03 -4.39 -6.55
C ALA E 78 -13.87 -3.88 -7.71
N CYS E 79 -14.09 -2.58 -7.73
CA CYS E 79 -14.83 -1.99 -8.80
C CYS E 79 -14.12 -2.17 -10.14
N ARG E 80 -12.80 -2.07 -10.13
CA ARG E 80 -11.99 -2.25 -11.32
C ARG E 80 -12.17 -3.66 -11.84
N ALA E 81 -12.16 -4.63 -10.95
CA ALA E 81 -12.35 -6.03 -11.26
C ALA E 81 -13.70 -6.29 -11.95
N VAL E 82 -14.74 -5.60 -11.53
CA VAL E 82 -16.05 -5.72 -12.11
C VAL E 82 -16.18 -5.00 -13.46
N PHE E 83 -15.74 -3.75 -13.54
CA PHE E 83 -15.79 -3.00 -14.77
C PHE E 83 -15.01 -3.65 -15.91
N GLN E 84 -13.86 -4.21 -15.56
CA GLN E 84 -12.98 -4.83 -16.48
C GLN E 84 -12.59 -3.91 -17.62
N PRO E 85 -11.85 -2.85 -17.30
CA PRO E 85 -11.33 -1.97 -18.33
C PRO E 85 -10.22 -2.64 -19.12
N GLU E 86 -9.86 -2.01 -20.21
CA GLU E 86 -8.77 -2.52 -20.98
C GLU E 86 -7.50 -2.39 -20.11
N GLU E 87 -6.79 -3.48 -19.98
CA GLU E 87 -5.56 -3.54 -19.20
C GLU E 87 -4.35 -3.69 -20.14
N LYS E 88 -3.69 -2.59 -20.44
CA LYS E 88 -2.54 -2.61 -21.33
C LYS E 88 -1.24 -3.20 -20.76
N TYR E 89 -1.20 -3.44 -19.47
CA TYR E 89 -0.04 -4.00 -18.84
C TYR E 89 -0.46 -4.70 -17.58
N ILE F 3 -10.45 -12.40 25.02
CA ILE F 3 -10.42 -12.56 23.55
C ILE F 3 -11.77 -12.96 22.96
N GLU F 4 -12.57 -13.75 23.67
CA GLU F 4 -13.88 -14.22 23.19
C GLU F 4 -14.87 -13.11 22.88
N ASP F 5 -14.79 -12.01 23.58
CA ASP F 5 -15.63 -10.91 23.27
C ASP F 5 -15.40 -10.43 21.81
N ILE F 6 -14.17 -10.50 21.31
CA ILE F 6 -13.83 -10.06 19.97
C ILE F 6 -14.12 -11.08 18.89
N LYS F 7 -14.96 -10.70 17.95
CA LYS F 7 -15.38 -11.56 16.88
C LYS F 7 -14.23 -12.07 16.06
N GLY F 8 -14.20 -13.36 15.85
CA GLY F 8 -13.13 -13.99 15.08
C GLY F 8 -11.89 -14.33 15.87
N TYR F 9 -11.75 -13.84 17.09
CA TYR F 9 -10.57 -14.13 17.88
C TYR F 9 -10.62 -15.56 18.42
N LYS F 10 -9.45 -16.15 18.64
CA LYS F 10 -9.30 -17.47 19.18
C LYS F 10 -8.38 -17.41 20.39
N PRO F 11 -8.28 -18.49 21.15
CA PRO F 11 -7.49 -18.45 22.39
C PRO F 11 -6.00 -18.31 22.11
N HIS F 12 -5.30 -17.70 23.04
CA HIS F 12 -3.86 -17.65 22.98
C HIS F 12 -3.25 -19.02 23.33
N THR F 13 -2.02 -19.21 22.90
CA THR F 13 -1.21 -20.35 23.33
C THR F 13 0.18 -19.84 23.65
N GLU F 14 0.91 -20.61 24.48
CA GLU F 14 2.25 -20.21 24.86
C GLU F 14 3.14 -20.03 23.64
N GLU F 15 3.03 -20.93 22.66
CA GLU F 15 3.83 -20.82 21.45
C GLU F 15 3.49 -19.55 20.68
N LYS F 16 2.20 -19.22 20.59
CA LYS F 16 1.81 -18.02 19.86
C LYS F 16 2.28 -16.75 20.57
N ILE F 17 2.08 -16.70 21.89
CA ILE F 17 2.50 -15.51 22.65
C ILE F 17 3.98 -15.25 22.44
N GLY F 18 4.81 -16.29 22.56
CA GLY F 18 6.23 -16.11 22.36
C GLY F 18 6.56 -15.58 20.97
N LYS F 19 5.96 -16.18 19.94
CA LYS F 19 6.24 -15.76 18.58
C LYS F 19 5.78 -14.33 18.33
N VAL F 20 4.57 -13.99 18.78
CA VAL F 20 4.05 -12.64 18.54
C VAL F 20 4.92 -11.60 19.23
N ASN F 21 5.33 -11.88 20.47
CA ASN F 21 6.19 -10.94 21.18
C ASN F 21 7.58 -10.86 20.54
N ALA F 22 8.05 -11.96 19.96
CA ALA F 22 9.32 -11.92 19.23
C ALA F 22 9.22 -11.00 18.01
N ILE F 23 8.09 -11.05 17.30
CA ILE F 23 7.89 -10.16 16.16
C ILE F 23 7.84 -8.72 16.62
N LYS F 24 7.01 -8.44 17.60
CA LYS F 24 6.87 -7.11 18.09
C LYS F 24 8.19 -6.51 18.62
N ASP F 25 9.01 -7.33 19.24
CA ASP F 25 10.29 -6.87 19.77
C ASP F 25 11.21 -6.43 18.65
N ALA F 26 11.34 -7.23 17.62
CA ALA F 26 12.16 -6.85 16.50
C ALA F 26 11.57 -5.63 15.76
N GLU F 27 10.25 -5.55 15.70
CA GLU F 27 9.54 -4.45 15.07
C GLU F 27 9.91 -3.14 15.75
N VAL F 28 9.76 -3.11 17.06
CA VAL F 28 10.06 -1.95 17.87
C VAL F 28 11.51 -1.49 17.72
N ARG F 29 12.43 -2.43 17.65
CA ARG F 29 13.83 -2.12 17.47
C ARG F 29 14.01 -1.31 16.20
N LEU F 30 13.45 -1.80 15.11
CA LEU F 30 13.57 -1.06 13.86
C LEU F 30 12.81 0.26 13.93
N GLY F 31 11.60 0.25 14.51
CA GLY F 31 10.82 1.46 14.61
C GLY F 31 11.50 2.56 15.41
N LEU F 32 12.25 2.18 16.45
CA LEU F 32 12.97 3.17 17.23
C LEU F 32 14.14 3.76 16.44
N ILE F 33 14.71 2.99 15.52
CA ILE F 33 15.70 3.54 14.60
C ILE F 33 15.04 4.60 13.71
N PHE F 34 13.87 4.27 13.15
CA PHE F 34 13.11 5.27 12.40
C PHE F 34 12.83 6.50 13.25
N ASP F 35 12.42 6.28 14.50
CA ASP F 35 12.08 7.40 15.38
C ASP F 35 13.28 8.30 15.63
N ALA F 36 14.46 7.70 15.87
CA ALA F 36 15.65 8.50 16.10
C ALA F 36 16.02 9.33 14.88
N LEU F 37 15.97 8.70 13.70
CA LEU F 37 16.25 9.44 12.46
C LEU F 37 15.23 10.56 12.27
N TYR F 38 13.98 10.32 12.59
CA TYR F 38 12.94 11.32 12.46
C TYR F 38 13.24 12.55 13.29
N ASP F 39 13.59 12.33 14.53
CA ASP F 39 13.93 13.39 15.45
C ASP F 39 15.12 14.22 14.96
N GLU F 40 16.11 13.56 14.41
CA GLU F 40 17.28 14.22 13.86
C GLU F 40 16.87 15.16 12.73
N PHE F 41 16.09 14.64 11.79
CA PHE F 41 15.62 15.42 10.68
C PHE F 41 14.78 16.61 11.16
N TRP F 42 13.98 16.38 12.18
CA TRP F 42 13.13 17.43 12.72
C TRP F 42 13.94 18.59 13.27
N GLU F 43 14.93 18.29 14.08
CA GLU F 43 15.78 19.32 14.65
C GLU F 43 16.49 20.09 13.54
N ALA F 44 17.02 19.38 12.57
CA ALA F 44 17.69 20.02 11.46
C ALA F 44 16.75 20.97 10.69
N LEU F 45 15.51 20.58 10.49
CA LEU F 45 14.55 21.39 9.78
C LEU F 45 14.19 22.60 10.61
N ASP F 46 14.04 22.38 11.90
CA ASP F 46 13.69 23.45 12.81
C ASP F 46 14.71 24.59 12.85
N ASN F 47 16.00 24.31 12.67
CA ASN F 47 17.02 25.33 12.66
C ASN F 47 16.87 26.37 11.57
N CYS F 48 16.38 25.97 10.42
CA CYS F 48 16.26 26.91 9.32
C CYS F 48 15.21 26.46 8.32
N GLU F 49 14.00 26.92 8.48
CA GLU F 49 12.97 26.54 7.52
C GLU F 49 13.09 27.17 6.13
N ASP F 50 13.93 28.18 5.93
CA ASP F 50 14.08 28.77 4.61
C ASP F 50 15.37 28.44 3.87
N CYS F 51 16.18 27.59 4.47
CA CYS F 51 17.41 27.17 3.85
C CYS F 51 17.20 26.21 2.69
N GLU F 52 18.25 26.01 1.91
CA GLU F 52 18.18 25.11 0.77
C GLU F 52 17.70 23.72 1.14
N PHE F 53 18.30 23.13 2.16
CA PHE F 53 17.96 21.78 2.57
C PHE F 53 16.64 21.57 3.32
N ALA F 54 15.93 22.64 3.64
CA ALA F 54 14.69 22.51 4.38
C ALA F 54 13.69 21.61 3.66
N LYS F 55 13.56 21.79 2.37
CA LYS F 55 12.65 20.98 1.59
C LYS F 55 13.05 19.50 1.68
N ASN F 56 14.33 19.22 1.56
CA ASN F 56 14.84 17.88 1.63
C ASN F 56 14.55 17.22 3.00
N TYR F 57 14.75 18.00 4.06
CA TYR F 57 14.50 17.51 5.40
C TYR F 57 13.00 17.23 5.60
N ALA F 58 12.16 18.11 5.10
CA ALA F 58 10.73 17.90 5.22
C ALA F 58 10.29 16.64 4.49
N GLU F 59 10.86 16.40 3.30
CA GLU F 59 10.54 15.19 2.55
C GLU F 59 11.00 13.95 3.31
N SER F 60 12.20 13.99 3.89
CA SER F 60 12.68 12.84 4.65
C SER F 60 11.77 12.53 5.82
N LEU F 61 11.23 13.57 6.47
CA LEU F 61 10.28 13.34 7.55
C LEU F 61 9.04 12.59 7.04
N ASP F 62 8.48 13.06 5.92
CA ASP F 62 7.32 12.38 5.35
C ASP F 62 7.65 10.95 4.97
N GLN F 63 8.86 10.70 4.47
CA GLN F 63 9.23 9.36 4.07
C GLN F 63 9.45 8.45 5.26
N LEU F 64 9.96 8.99 6.37
CA LEU F 64 10.09 8.18 7.58
C LEU F 64 8.74 7.90 8.22
N THR F 65 7.78 8.84 8.08
CA THR F 65 6.43 8.57 8.53
C THR F 65 5.81 7.44 7.71
N ILE F 66 6.07 7.41 6.41
CA ILE F 66 5.63 6.29 5.59
C ILE F 66 6.29 5.00 6.05
N ALA F 67 7.59 5.04 6.33
CA ALA F 67 8.31 3.85 6.73
C ALA F 67 7.73 3.26 8.01
N LYS F 68 7.46 4.11 9.01
CA LYS F 68 6.84 3.64 10.24
C LYS F 68 5.50 2.96 9.96
N THR F 69 4.69 3.56 9.09
CA THR F 69 3.39 2.97 8.75
C THR F 69 3.56 1.60 8.12
N LYS F 70 4.50 1.47 7.18
CA LYS F 70 4.73 0.18 6.54
C LYS F 70 5.21 -0.85 7.54
N LEU F 71 6.06 -0.45 8.49
CA LEU F 71 6.58 -1.39 9.48
C LEU F 71 5.46 -1.90 10.38
N LYS F 72 4.55 -1.02 10.80
CA LYS F 72 3.43 -1.47 11.62
C LYS F 72 2.52 -2.41 10.85
N GLU F 73 2.30 -2.14 9.57
CA GLU F 73 1.52 -3.06 8.74
C GLU F 73 2.21 -4.42 8.64
N ALA F 74 3.53 -4.42 8.43
CA ALA F 74 4.25 -5.68 8.35
C ALA F 74 4.10 -6.50 9.64
N SER F 75 4.19 -5.83 10.79
CA SER F 75 4.07 -6.55 12.05
C SER F 75 2.65 -7.05 12.26
N MET F 76 1.65 -6.25 11.88
CA MET F 76 0.26 -6.67 12.03
C MET F 76 -0.05 -7.88 11.16
N TRP F 77 0.43 -7.88 9.91
CA TRP F 77 0.22 -9.03 9.05
C TRP F 77 0.93 -10.27 9.60
N ALA F 78 2.15 -10.10 10.11
CA ALA F 78 2.90 -11.24 10.64
C ALA F 78 2.23 -11.81 11.89
N CYS F 79 1.85 -10.93 12.80
CA CYS F 79 1.16 -11.33 14.01
C CYS F 79 -0.15 -12.05 13.70
N ARG F 80 -0.89 -11.55 12.73
CA ARG F 80 -2.13 -12.15 12.26
C ARG F 80 -1.89 -13.59 11.78
N ALA F 81 -0.80 -13.78 11.05
CA ALA F 81 -0.42 -15.07 10.55
C ALA F 81 -0.18 -16.08 11.68
N VAL F 82 0.42 -15.61 12.78
CA VAL F 82 0.71 -16.43 13.94
C VAL F 82 -0.54 -16.73 14.76
N PHE F 83 -1.28 -15.68 15.11
CA PHE F 83 -2.50 -15.83 15.89
C PHE F 83 -3.50 -16.72 15.16
N GLN F 84 -3.40 -16.74 13.84
CA GLN F 84 -4.28 -17.53 12.99
C GLN F 84 -5.75 -17.32 13.32
N PRO F 85 -6.25 -16.10 13.11
CA PRO F 85 -7.65 -15.75 13.38
C PRO F 85 -8.59 -16.35 12.35
N GLU F 86 -9.88 -16.43 12.68
CA GLU F 86 -10.87 -16.99 11.76
C GLU F 86 -11.06 -16.09 10.54
N GLU F 87 -10.69 -16.61 9.38
CA GLU F 87 -10.81 -15.86 8.13
C GLU F 87 -12.15 -16.16 7.46
N LYS F 88 -13.01 -15.16 7.40
CA LYS F 88 -14.33 -15.30 6.79
C LYS F 88 -14.28 -15.06 5.29
N TYR F 89 -13.21 -14.42 4.83
CA TYR F 89 -13.07 -14.11 3.40
C TYR F 89 -11.58 -13.93 3.06
#